data_5KCD
#
_entry.id   5KCD
#
_cell.length_a   55.945
_cell.length_b   83.463
_cell.length_c   58.779
_cell.angle_alpha   90.000
_cell.angle_beta   109.380
_cell.angle_gamma   90.000
#
_symmetry.space_group_name_H-M   'P 1 21 1'
#
loop_
_entity.id
_entity.type
_entity.pdbx_description
1 polymer 'Estrogen receptor'
2 polymer NCOA2
3 non-polymer (1S,2R,4S)-5,6-bis(4-hydroxyphenyl)-N-methyl-N-phenyl-7-oxabicyclo[2.2.1]hept-5-ene-2-sulfonamide
4 water water
#
loop_
_entity_poly.entity_id
_entity_poly.type
_entity_poly.pdbx_seq_one_letter_code
_entity_poly.pdbx_strand_id
1 'polypeptide(L)'
;IKRSKKNSLALSLTADQMVSALLDAEPPILYSEYDPTRPFSEASMMGLLTNLADRELVHMINWAKRVPGFVDLTLHDQVH
LLECAWLEILMIGLVWRSMEHPGKLLFAPNLLLDRNQGKCVEGMVEIFDMLLATSSRFRMMNLQGEEFVCLKSIILLNSG
VYTFLSSTLKSLEEKDHIHRVLDKITDTLIHLMAKAGLTLQQQHQRLAQLLLILSHIRHMSNKGMEHLYSMKCKNVVPLS
DLLLEMLDAHRLHAPTS
;
A,B
2 'polypeptide(L)' KHKILHRLLQDSSS C,D
#
loop_
_chem_comp.id
_chem_comp.type
_chem_comp.name
_chem_comp.formula
OB2 non-polymer (1S,2R,4S)-5,6-bis(4-hydroxyphenyl)-N-methyl-N-phenyl-7-oxabicyclo[2.2.1]hept-5-ene-2-sulfonamide 'C25 H23 N O5 S'
#
# COMPACT_ATOMS: atom_id res chain seq x y z
N SER A 8 6.41 23.12 13.31
CA SER A 8 5.90 24.29 12.59
C SER A 8 4.49 24.67 13.04
N LEU A 9 3.70 25.17 12.10
CA LEU A 9 2.32 25.58 12.42
C LEU A 9 1.43 24.41 12.61
N ALA A 10 1.66 23.37 11.81
CA ALA A 10 0.85 22.16 11.88
C ALA A 10 0.97 21.49 13.24
N LEU A 11 2.16 21.61 13.83
CA LEU A 11 2.48 20.88 15.05
C LEU A 11 1.78 21.47 16.27
N SER A 12 1.27 22.70 16.14
CA SER A 12 0.63 23.39 17.26
C SER A 12 -0.90 23.41 17.15
N LEU A 13 -1.44 22.79 16.10
CA LEU A 13 -2.88 22.69 15.94
C LEU A 13 -3.46 21.67 16.91
N THR A 14 -4.65 21.94 17.45
CA THR A 14 -5.36 20.94 18.21
C THR A 14 -5.95 19.94 17.24
N ALA A 15 -6.47 18.83 17.77
CA ALA A 15 -7.12 17.83 16.92
C ALA A 15 -8.29 18.46 16.17
N ASP A 16 -9.14 19.18 16.90
CA ASP A 16 -10.31 19.82 16.31
C ASP A 16 -9.90 20.85 15.27
N GLN A 17 -8.80 21.55 15.51
CA GLN A 17 -8.28 22.52 14.54
C GLN A 17 -7.76 21.81 13.30
N MET A 18 -7.13 20.66 13.51
CA MET A 18 -6.65 19.84 12.40
C MET A 18 -7.81 19.42 11.50
N VAL A 19 -8.88 18.93 12.12
CA VAL A 19 -10.06 18.47 11.38
C VAL A 19 -10.70 19.62 10.60
N SER A 20 -10.85 20.77 11.24
CA SER A 20 -11.45 21.94 10.60
C SER A 20 -10.62 22.40 9.40
N ALA A 21 -9.30 22.40 9.58
CA ALA A 21 -8.39 22.73 8.50
C ALA A 21 -8.61 21.79 7.31
N LEU A 22 -8.65 20.50 7.58
CA LEU A 22 -8.72 19.50 6.51
C LEU A 22 -10.09 19.53 5.82
N LEU A 23 -11.17 19.67 6.59
CA LEU A 23 -12.50 19.79 6.00
C LEU A 23 -12.63 21.03 5.10
N ASP A 24 -12.10 22.15 5.58
N ASP A 24 -12.09 22.15 5.57
CA ASP A 24 -12.20 23.40 4.82
CA ASP A 24 -12.18 23.40 4.82
C ASP A 24 -11.40 23.30 3.52
C ASP A 24 -11.36 23.34 3.54
N ALA A 25 -10.33 22.50 3.53
CA ALA A 25 -9.44 22.38 2.37
C ALA A 25 -9.97 21.45 1.28
N GLU A 26 -11.07 20.75 1.57
CA GLU A 26 -11.65 19.79 0.61
C GLU A 26 -11.85 20.39 -0.77
N PRO A 27 -11.45 19.65 -1.81
CA PRO A 27 -11.65 20.17 -3.16
C PRO A 27 -13.11 20.12 -3.57
N PRO A 28 -13.49 20.87 -4.60
CA PRO A 28 -14.87 20.77 -5.05
C PRO A 28 -15.14 19.45 -5.76
N ILE A 29 -16.41 19.07 -5.89
CA ILE A 29 -16.73 17.91 -6.72
C ILE A 29 -17.03 18.41 -8.12
N LEU A 30 -16.33 17.84 -9.09
CA LEU A 30 -16.42 18.29 -10.46
C LEU A 30 -17.34 17.39 -11.27
N TYR A 31 -17.85 17.93 -12.38
CA TYR A 31 -18.59 17.13 -13.33
C TYR A 31 -17.66 16.64 -14.43
N SER A 32 -18.01 15.52 -15.04
CA SER A 32 -17.33 15.05 -16.23
C SER A 32 -17.92 15.70 -17.46
N GLU A 33 -17.27 15.52 -18.60
CA GLU A 33 -17.79 16.02 -19.86
C GLU A 33 -18.58 14.94 -20.57
N TYR A 34 -19.21 14.05 -19.80
CA TYR A 34 -20.00 12.93 -20.34
C TYR A 34 -21.00 13.36 -21.40
N ASP A 35 -20.94 12.71 -22.56
CA ASP A 35 -21.84 13.01 -23.67
C ASP A 35 -22.76 11.84 -23.95
N PRO A 36 -24.03 11.96 -23.50
CA PRO A 36 -25.01 10.88 -23.62
C PRO A 36 -25.50 10.64 -25.04
N THR A 37 -25.06 11.42 -26.01
CA THR A 37 -25.57 11.28 -27.37
C THR A 37 -24.90 10.12 -28.11
N ARG A 38 -23.78 9.65 -27.60
CA ARG A 38 -23.05 8.58 -28.27
C ARG A 38 -22.70 7.46 -27.30
N PRO A 39 -22.59 6.23 -27.80
CA PRO A 39 -22.22 5.11 -26.93
C PRO A 39 -20.77 5.18 -26.49
N PHE A 40 -20.45 4.45 -25.44
CA PHE A 40 -19.09 4.37 -24.95
C PHE A 40 -18.20 3.53 -25.87
N SER A 41 -16.97 3.98 -26.04
CA SER A 41 -15.93 3.14 -26.62
C SER A 41 -14.81 3.10 -25.62
N GLU A 42 -13.81 2.26 -25.85
CA GLU A 42 -12.62 2.30 -24.99
C GLU A 42 -12.02 3.71 -25.00
N ALA A 43 -11.86 4.24 -26.21
CA ALA A 43 -11.30 5.57 -26.38
C ALA A 43 -12.17 6.64 -25.71
N SER A 44 -13.49 6.60 -25.89
CA SER A 44 -14.30 7.68 -25.36
C SER A 44 -14.37 7.62 -23.83
N MET A 45 -14.45 6.42 -23.34
CA MET A 45 -14.30 6.26 -21.92
CA MET A 45 -14.37 6.30 -21.80
C MET A 45 -12.99 6.75 -21.12
N MET A 46 -11.93 6.38 -21.83
CA MET A 46 -10.62 6.85 -21.38
C MET A 46 -10.50 8.38 -21.51
N GLY A 47 -11.10 8.94 -22.55
CA GLY A 47 -11.09 10.38 -22.76
C GLY A 47 -11.81 11.10 -21.63
N LEU A 48 -12.94 10.53 -21.22
CA LEU A 48 -13.77 11.09 -20.17
C LEU A 48 -13.02 11.08 -18.84
N LEU A 49 -12.47 9.93 -18.52
CA LEU A 49 -11.78 9.78 -17.24
C LEU A 49 -10.52 10.64 -17.20
N THR A 50 -9.81 10.70 -18.32
CA THR A 50 -8.57 11.46 -18.36
C THR A 50 -8.85 12.96 -18.18
N ASN A 51 -9.87 13.44 -18.88
CA ASN A 51 -10.26 14.84 -18.76
C ASN A 51 -10.69 15.20 -17.34
N LEU A 52 -11.49 14.33 -16.72
CA LEU A 52 -11.91 14.51 -15.33
C LEU A 52 -10.72 14.55 -14.37
N ALA A 53 -9.85 13.54 -14.45
CA ALA A 53 -8.69 13.45 -13.58
C ALA A 53 -7.81 14.68 -13.73
N ASP A 54 -7.62 15.13 -14.98
CA ASP A 54 -6.77 16.27 -15.23
CA ASP A 54 -6.81 16.29 -15.28
C ASP A 54 -7.32 17.52 -14.54
N ARG A 55 -8.63 17.74 -14.63
CA ARG A 55 -9.21 18.90 -13.98
C ARG A 55 -9.14 18.73 -12.46
N GLU A 56 -9.31 17.50 -11.98
CA GLU A 56 -9.20 17.24 -10.55
C GLU A 56 -7.80 17.50 -10.01
N LEU A 57 -6.79 17.23 -10.82
CA LEU A 57 -5.40 17.40 -10.39
C LEU A 57 -5.13 18.86 -10.00
N VAL A 58 -5.67 19.80 -10.77
CA VAL A 58 -5.44 21.20 -10.46
C VAL A 58 -6.00 21.55 -9.08
N HIS A 59 -7.20 21.06 -8.76
CA HIS A 59 -7.74 21.30 -7.43
C HIS A 59 -7.01 20.50 -6.35
N MET A 60 -6.45 19.36 -6.74
CA MET A 60 -5.64 18.56 -5.79
C MET A 60 -4.43 19.35 -5.36
N ILE A 61 -3.83 20.08 -6.29
CA ILE A 61 -2.63 20.83 -5.96
C ILE A 61 -2.95 21.94 -4.98
N ASN A 62 -4.08 22.62 -5.17
CA ASN A 62 -4.46 23.65 -4.22
CA ASN A 62 -4.53 23.65 -4.24
C ASN A 62 -4.86 23.08 -2.86
N TRP A 63 -5.43 21.87 -2.86
CA TRP A 63 -5.78 21.19 -1.62
C TRP A 63 -4.52 20.85 -0.83
N ALA A 64 -3.53 20.30 -1.54
CA ALA A 64 -2.30 19.83 -0.89
C ALA A 64 -1.61 20.99 -0.18
N LYS A 65 -1.66 22.17 -0.79
CA LYS A 65 -1.03 23.33 -0.19
C LYS A 65 -1.74 23.77 1.09
N ARG A 66 -2.93 23.24 1.31
CA ARG A 66 -3.67 23.54 2.53
C ARG A 66 -3.64 22.43 3.58
N VAL A 67 -3.01 21.31 3.24
CA VAL A 67 -2.76 20.24 4.21
C VAL A 67 -1.64 20.73 5.13
N PRO A 68 -1.92 20.84 6.44
CA PRO A 68 -0.91 21.40 7.36
C PRO A 68 0.46 20.74 7.21
N GLY A 69 1.51 21.55 7.18
CA GLY A 69 2.87 21.04 7.04
C GLY A 69 3.41 20.87 5.62
N PHE A 70 2.51 20.75 4.64
CA PHE A 70 2.93 20.51 3.26
C PHE A 70 3.71 21.69 2.68
N VAL A 71 3.25 22.91 2.90
CA VAL A 71 3.95 24.06 2.32
C VAL A 71 5.28 24.36 3.02
N ASP A 72 5.56 23.67 4.12
CA ASP A 72 6.86 23.80 4.78
C ASP A 72 7.94 23.09 3.99
N LEU A 73 7.52 22.22 3.08
CA LEU A 73 8.43 21.41 2.29
C LEU A 73 8.99 22.21 1.13
N THR A 74 10.20 21.86 0.68
CA THR A 74 10.72 22.44 -0.56
C THR A 74 9.80 22.09 -1.73
N LEU A 75 9.86 22.86 -2.81
CA LEU A 75 9.07 22.56 -4.00
C LEU A 75 9.37 21.17 -4.54
N HIS A 76 10.65 20.80 -4.54
CA HIS A 76 11.03 19.47 -5.00
C HIS A 76 10.35 18.36 -4.20
N ASP A 77 10.30 18.53 -2.88
CA ASP A 77 9.63 17.54 -2.04
C ASP A 77 8.11 17.55 -2.24
N GLN A 78 7.52 18.72 -2.41
CA GLN A 78 6.09 18.80 -2.72
C GLN A 78 5.76 18.11 -4.04
N VAL A 79 6.62 18.31 -5.04
CA VAL A 79 6.43 17.69 -6.34
C VAL A 79 6.51 16.16 -6.17
N HIS A 80 7.51 15.72 -5.42
CA HIS A 80 7.69 14.29 -5.22
C HIS A 80 6.46 13.65 -4.59
N LEU A 81 5.94 14.25 -3.52
CA LEU A 81 4.79 13.66 -2.84
C LEU A 81 3.56 13.57 -3.73
N LEU A 82 3.29 14.61 -4.52
CA LEU A 82 2.12 14.58 -5.37
C LEU A 82 2.33 13.61 -6.54
N GLU A 83 3.55 13.58 -7.08
CA GLU A 83 3.86 12.61 -8.14
C GLU A 83 3.62 11.20 -7.67
N CYS A 84 4.02 10.93 -6.44
CA CYS A 84 3.86 9.59 -5.90
C CYS A 84 2.40 9.25 -5.61
N ALA A 85 1.64 10.24 -5.13
CA ALA A 85 0.36 9.97 -4.49
C ALA A 85 -0.89 10.28 -5.31
N TRP A 86 -0.75 10.95 -6.46
CA TRP A 86 -1.93 11.55 -7.09
C TRP A 86 -3.05 10.52 -7.43
N LEU A 87 -2.69 9.32 -7.91
CA LEU A 87 -3.73 8.36 -8.27
C LEU A 87 -4.36 7.76 -7.01
N GLU A 88 -3.53 7.49 -6.00
CA GLU A 88 -4.07 7.05 -4.71
C GLU A 88 -5.08 8.04 -4.20
N ILE A 89 -4.76 9.33 -4.33
CA ILE A 89 -5.63 10.38 -3.82
C ILE A 89 -6.93 10.49 -4.62
N LEU A 90 -6.84 10.37 -5.96
CA LEU A 90 -8.03 10.38 -6.80
C LEU A 90 -8.89 9.18 -6.42
N MET A 91 -8.22 8.05 -6.20
CA MET A 91 -8.90 6.82 -5.86
C MET A 91 -9.62 6.87 -4.52
N ILE A 92 -8.95 7.38 -3.49
CA ILE A 92 -9.67 7.37 -2.20
C ILE A 92 -10.86 8.34 -2.28
N GLY A 93 -10.73 9.42 -3.05
CA GLY A 93 -11.84 10.33 -3.27
C GLY A 93 -13.01 9.61 -3.94
N LEU A 94 -12.69 8.82 -4.97
CA LEU A 94 -13.73 8.08 -5.72
C LEU A 94 -14.46 7.09 -4.82
N VAL A 95 -13.68 6.35 -4.05
CA VAL A 95 -14.25 5.33 -3.19
C VAL A 95 -15.14 5.99 -2.11
N TRP A 96 -14.70 7.14 -1.61
CA TRP A 96 -15.49 7.87 -0.61
C TRP A 96 -16.84 8.35 -1.18
N ARG A 97 -16.84 8.94 -2.36
CA ARG A 97 -18.10 9.51 -2.82
C ARG A 97 -18.99 8.41 -3.37
N SER A 98 -18.41 7.24 -3.63
CA SER A 98 -19.21 6.10 -4.08
C SER A 98 -19.85 5.29 -2.95
N MET A 99 -19.55 5.63 -1.70
CA MET A 99 -20.04 4.80 -0.59
C MET A 99 -21.54 4.58 -0.57
N GLU A 100 -22.31 5.62 -0.89
CA GLU A 100 -23.75 5.52 -0.81
CA GLU A 100 -23.76 5.55 -0.82
C GLU A 100 -24.36 5.11 -2.15
N HIS A 101 -23.54 4.53 -3.01
CA HIS A 101 -23.98 3.98 -4.28
C HIS A 101 -23.51 2.54 -4.44
N PRO A 102 -24.11 1.61 -3.68
CA PRO A 102 -23.68 0.21 -3.75
C PRO A 102 -23.60 -0.32 -5.18
N GLY A 103 -22.46 -0.94 -5.52
CA GLY A 103 -22.26 -1.53 -6.83
C GLY A 103 -21.90 -0.57 -7.95
N LYS A 104 -21.75 0.71 -7.63
CA LYS A 104 -21.41 1.71 -8.64
C LYS A 104 -20.27 2.59 -8.19
N LEU A 105 -19.57 3.19 -9.14
CA LEU A 105 -18.54 4.16 -8.84
C LEU A 105 -19.01 5.52 -9.34
N LEU A 106 -19.12 6.45 -8.41
CA LEU A 106 -19.52 7.83 -8.72
C LEU A 106 -18.31 8.67 -9.11
N PHE A 107 -17.89 8.56 -10.37
CA PHE A 107 -16.75 9.36 -10.84
C PHE A 107 -17.07 10.84 -10.77
N ALA A 108 -18.34 11.15 -11.05
CA ALA A 108 -18.82 12.52 -11.06
C ALA A 108 -20.32 12.44 -10.89
N PRO A 109 -20.98 13.55 -10.49
CA PRO A 109 -22.42 13.45 -10.28
C PRO A 109 -23.16 13.02 -11.54
N ASN A 110 -22.54 13.24 -12.70
CA ASN A 110 -23.16 12.89 -13.98
C ASN A 110 -22.41 11.75 -14.65
N LEU A 111 -21.58 11.05 -13.89
CA LEU A 111 -20.87 9.89 -14.40
C LEU A 111 -20.82 8.81 -13.31
N LEU A 112 -21.88 8.03 -13.25
CA LEU A 112 -22.03 6.96 -12.26
C LEU A 112 -22.00 5.62 -13.00
N LEU A 113 -20.94 4.84 -12.79
CA LEU A 113 -20.71 3.64 -13.58
C LEU A 113 -20.75 2.35 -12.77
N ASP A 114 -21.24 1.26 -13.38
CA ASP A 114 -21.11 -0.07 -12.79
C ASP A 114 -20.00 -0.87 -13.49
N ARG A 115 -19.66 -2.05 -12.98
CA ARG A 115 -18.49 -2.78 -13.49
C ARG A 115 -18.63 -3.18 -14.95
N ASN A 116 -19.85 -3.40 -15.42
CA ASN A 116 -20.03 -3.77 -16.82
C ASN A 116 -19.63 -2.63 -17.75
N GLN A 117 -19.77 -1.40 -17.28
CA GLN A 117 -19.31 -0.25 -18.05
C GLN A 117 -17.80 -0.10 -17.96
N GLY A 118 -17.20 -0.68 -16.92
CA GLY A 118 -15.75 -0.66 -16.77
C GLY A 118 -15.07 -1.58 -17.76
N LYS A 119 -15.82 -2.57 -18.23
CA LYS A 119 -15.32 -3.54 -19.20
C LYS A 119 -15.05 -2.91 -20.55
N CYS A 120 -15.46 -1.65 -20.72
CA CYS A 120 -15.27 -0.95 -21.99
C CYS A 120 -13.78 -0.76 -22.27
N VAL A 121 -13.02 -0.62 -21.19
CA VAL A 121 -11.59 -0.37 -21.28
C VAL A 121 -10.83 -1.60 -20.85
N GLU A 122 -9.90 -2.04 -21.69
CA GLU A 122 -9.11 -3.23 -21.43
CA GLU A 122 -9.15 -3.25 -21.39
C GLU A 122 -8.35 -3.10 -20.11
N GLY A 123 -8.49 -4.09 -19.23
CA GLY A 123 -7.78 -4.09 -17.97
C GLY A 123 -8.39 -3.28 -16.85
N MET A 124 -9.47 -2.55 -17.14
CA MET A 124 -10.03 -1.66 -16.13
C MET A 124 -11.02 -2.33 -15.19
N VAL A 125 -11.75 -3.34 -15.65
CA VAL A 125 -12.80 -3.91 -14.80
C VAL A 125 -12.20 -4.55 -13.54
N GLU A 126 -11.02 -5.14 -13.66
CA GLU A 126 -10.36 -5.70 -12.49
C GLU A 126 -10.12 -4.62 -11.43
N ILE A 127 -9.69 -3.44 -11.83
CA ILE A 127 -9.46 -2.37 -10.85
C ILE A 127 -10.79 -1.81 -10.35
N PHE A 128 -11.76 -1.70 -11.26
CA PHE A 128 -13.11 -1.27 -10.87
CA PHE A 128 -13.13 -1.30 -10.91
C PHE A 128 -13.63 -2.15 -9.74
N ASP A 129 -13.44 -3.46 -9.84
CA ASP A 129 -13.87 -4.39 -8.79
C ASP A 129 -13.16 -4.14 -7.46
N MET A 130 -11.87 -3.85 -7.52
CA MET A 130 -11.15 -3.54 -6.26
C MET A 130 -11.66 -2.24 -5.64
N LEU A 131 -11.97 -1.25 -6.47
CA LEU A 131 -12.48 0.02 -5.99
C LEU A 131 -13.87 -0.12 -5.37
N LEU A 132 -14.73 -0.87 -6.02
CA LEU A 132 -16.06 -1.22 -5.48
C LEU A 132 -15.96 -1.91 -4.12
N ALA A 133 -15.04 -2.87 -4.03
CA ALA A 133 -14.81 -3.57 -2.77
C ALA A 133 -14.34 -2.63 -1.65
N THR A 134 -13.43 -1.72 -1.99
CA THR A 134 -12.92 -0.75 -1.02
C THR A 134 -14.05 0.17 -0.56
N SER A 135 -14.88 0.61 -1.51
CA SER A 135 -16.04 1.43 -1.17
C SER A 135 -16.98 0.69 -0.23
N SER A 136 -17.22 -0.58 -0.52
CA SER A 136 -18.09 -1.40 0.31
CA SER A 136 -18.09 -1.42 0.30
C SER A 136 -17.52 -1.54 1.72
N ARG A 137 -16.19 -1.68 1.80
CA ARG A 137 -15.51 -1.81 3.08
C ARG A 137 -15.64 -0.54 3.92
N PHE A 138 -15.51 0.61 3.28
CA PHE A 138 -15.71 1.89 3.96
C PHE A 138 -17.16 2.01 4.43
N ARG A 139 -18.10 1.56 3.60
CA ARG A 139 -19.52 1.63 3.93
C ARG A 139 -19.82 0.78 5.17
N MET A 140 -19.28 -0.43 5.20
CA MET A 140 -19.47 -1.34 6.34
C MET A 140 -18.87 -0.81 7.64
N MET A 141 -17.70 -0.17 7.52
CA MET A 141 -17.03 0.44 8.67
C MET A 141 -17.66 1.76 9.07
N ASN A 142 -18.60 2.23 8.25
CA ASN A 142 -19.21 3.54 8.43
C ASN A 142 -18.15 4.63 8.57
N LEU A 143 -17.21 4.65 7.63
CA LEU A 143 -16.20 5.68 7.56
C LEU A 143 -16.84 7.06 7.64
N GLN A 144 -16.31 7.92 8.49
CA GLN A 144 -16.83 9.26 8.66
C GLN A 144 -16.04 10.26 7.81
N GLY A 145 -16.65 11.39 7.46
CA GLY A 145 -15.98 12.35 6.59
C GLY A 145 -14.71 12.88 7.22
N GLU A 146 -14.77 13.12 8.53
CA GLU A 146 -13.61 13.56 9.30
C GLU A 146 -12.46 12.55 9.25
N GLU A 147 -12.82 11.27 9.29
CA GLU A 147 -11.83 10.21 9.12
C GLU A 147 -11.26 10.18 7.71
N PHE A 148 -12.14 10.36 6.74
CA PHE A 148 -11.72 10.35 5.34
C PHE A 148 -10.64 11.42 5.05
N VAL A 149 -10.86 12.66 5.51
CA VAL A 149 -9.91 13.72 5.17
C VAL A 149 -8.56 13.44 5.85
N CYS A 150 -8.60 12.80 7.02
CA CYS A 150 -7.37 12.43 7.70
C CYS A 150 -6.61 11.42 6.85
N LEU A 151 -7.33 10.42 6.32
CA LEU A 151 -6.67 9.35 5.60
C LEU A 151 -6.09 9.86 4.28
N LYS A 152 -6.82 10.76 3.64
CA LYS A 152 -6.35 11.27 2.36
C LYS A 152 -5.08 12.09 2.56
N SER A 153 -5.00 12.81 3.67
CA SER A 153 -3.81 13.60 3.98
C SER A 153 -2.64 12.69 4.32
N ILE A 154 -2.95 11.58 4.97
CA ILE A 154 -1.93 10.60 5.30
C ILE A 154 -1.31 10.04 4.01
N ILE A 155 -2.16 9.71 3.02
CA ILE A 155 -1.66 9.21 1.73
C ILE A 155 -0.72 10.24 1.11
N LEU A 156 -1.09 11.51 1.16
CA LEU A 156 -0.26 12.54 0.53
C LEU A 156 1.11 12.62 1.20
N LEU A 157 1.14 12.58 2.53
CA LEU A 157 2.39 12.74 3.26
C LEU A 157 3.21 11.46 3.31
N ASN A 158 2.55 10.31 3.24
CA ASN A 158 3.25 9.05 3.43
C ASN A 158 3.80 8.41 2.16
N SER A 159 3.09 8.51 1.05
CA SER A 159 3.37 7.53 -0.01
C SER A 159 4.73 7.75 -0.68
N GLY A 160 5.26 8.96 -0.59
CA GLY A 160 6.56 9.23 -1.15
C GLY A 160 7.63 9.54 -0.12
N VAL A 161 7.26 9.46 1.16
CA VAL A 161 8.16 9.92 2.23
C VAL A 161 9.47 9.11 2.31
N TYR A 162 9.47 7.88 1.79
CA TYR A 162 10.70 7.08 1.72
C TYR A 162 11.19 6.97 0.28
N ASP A 176 11.93 14.31 9.09
CA ASP A 176 11.36 14.25 10.43
C ASP A 176 10.11 15.10 10.57
N HIS A 177 10.11 16.24 9.89
CA HIS A 177 8.94 17.11 9.88
C HIS A 177 7.69 16.38 9.41
N ILE A 178 7.80 15.69 8.28
CA ILE A 178 6.67 14.93 7.75
C ILE A 178 6.17 13.91 8.77
N HIS A 179 7.09 13.25 9.46
CA HIS A 179 6.68 12.21 10.41
C HIS A 179 5.99 12.82 11.63
N ARG A 180 6.43 14.00 12.06
CA ARG A 180 5.80 14.71 13.16
C ARG A 180 4.38 15.10 12.80
N VAL A 181 4.19 15.51 11.55
CA VAL A 181 2.85 15.86 11.08
C VAL A 181 2.00 14.60 10.97
N LEU A 182 2.56 13.52 10.44
CA LEU A 182 1.81 12.28 10.35
C LEU A 182 1.37 11.85 11.76
N ASP A 183 2.27 12.00 12.74
CA ASP A 183 1.92 11.65 14.13
C ASP A 183 0.73 12.48 14.61
N LYS A 184 0.72 13.77 14.28
CA LYS A 184 -0.42 14.63 14.62
C LYS A 184 -1.71 14.14 13.97
N ILE A 185 -1.63 13.66 12.72
CA ILE A 185 -2.84 13.16 12.09
C ILE A 185 -3.31 11.86 12.76
N THR A 186 -2.38 11.04 13.21
CA THR A 186 -2.75 9.85 14.00
C THR A 186 -3.49 10.28 15.26
N ASP A 187 -2.95 11.29 15.95
CA ASP A 187 -3.56 11.81 17.17
C ASP A 187 -4.99 12.24 16.89
N THR A 188 -5.16 12.87 15.74
CA THR A 188 -6.46 13.40 15.33
C THR A 188 -7.45 12.29 15.04
N LEU A 189 -7.00 11.23 14.36
CA LEU A 189 -7.85 10.07 14.11
C LEU A 189 -8.36 9.46 15.42
N ILE A 190 -7.45 9.22 16.34
CA ILE A 190 -7.80 8.61 17.62
C ILE A 190 -8.79 9.51 18.38
N HIS A 191 -8.48 10.80 18.44
CA HIS A 191 -9.37 11.81 19.02
C HIS A 191 -10.79 11.72 18.46
N LEU A 192 -10.90 11.57 17.15
CA LEU A 192 -12.20 11.50 16.49
C LEU A 192 -12.97 10.24 16.92
N MET A 193 -12.27 9.13 16.99
CA MET A 193 -12.85 7.85 17.40
C MET A 193 -13.30 7.88 18.86
N ALA A 194 -12.48 8.49 19.70
CA ALA A 194 -12.82 8.63 21.11
C ALA A 194 -14.09 9.47 21.25
N LYS A 195 -14.14 10.57 20.50
CA LYS A 195 -15.29 11.46 20.53
C LYS A 195 -16.56 10.74 20.07
N ALA A 196 -16.39 9.81 19.14
CA ALA A 196 -17.52 9.03 18.63
C ALA A 196 -17.94 7.94 19.60
N GLY A 197 -17.21 7.80 20.70
CA GLY A 197 -17.58 6.87 21.75
C GLY A 197 -16.97 5.47 21.67
N LEU A 198 -16.01 5.25 20.77
CA LEU A 198 -15.36 3.95 20.67
C LEU A 198 -14.52 3.68 21.93
N THR A 199 -14.54 2.42 22.41
CA THR A 199 -13.67 2.03 23.52
C THR A 199 -12.23 2.17 23.10
N LEU A 200 -11.34 2.23 24.08
CA LEU A 200 -9.91 2.37 23.79
C LEU A 200 -9.37 1.26 22.90
N GLN A 201 -9.84 0.03 23.10
CA GLN A 201 -9.44 -1.10 22.25
CA GLN A 201 -9.46 -1.10 22.26
C GLN A 201 -10.01 -0.96 20.84
N GLN A 202 -11.28 -0.54 20.76
CA GLN A 202 -11.92 -0.32 19.46
C GLN A 202 -11.18 0.76 18.67
N GLN A 203 -10.61 1.71 19.38
CA GLN A 203 -9.90 2.81 18.73
C GLN A 203 -8.65 2.31 18.01
N HIS A 204 -7.78 1.58 18.71
CA HIS A 204 -6.56 1.14 18.01
C HIS A 204 -6.89 0.09 16.96
N GLN A 205 -7.96 -0.68 17.16
CA GLN A 205 -8.35 -1.68 16.15
C GLN A 205 -8.84 -0.98 14.89
N ARG A 206 -9.61 0.08 15.05
CA ARG A 206 -10.13 0.81 13.89
C ARG A 206 -9.01 1.55 13.18
N LEU A 207 -8.13 2.19 13.95
CA LEU A 207 -6.95 2.86 13.39
C LEU A 207 -6.22 1.91 12.46
N ALA A 208 -5.99 0.70 12.97
CA ALA A 208 -5.26 -0.32 12.22
C ALA A 208 -6.05 -0.73 10.97
N GLN A 209 -7.35 -0.98 11.10
CA GLN A 209 -8.17 -1.37 9.95
C GLN A 209 -8.10 -0.31 8.84
N LEU A 210 -8.18 0.94 9.23
CA LEU A 210 -8.19 2.00 8.22
C LEU A 210 -6.83 2.12 7.55
N LEU A 211 -5.75 1.97 8.33
CA LEU A 211 -4.42 2.14 7.74
C LEU A 211 -4.05 0.95 6.88
N LEU A 212 -4.58 -0.24 7.19
CA LEU A 212 -4.32 -1.40 6.32
C LEU A 212 -5.02 -1.22 4.97
N ILE A 213 -6.14 -0.49 4.94
CA ILE A 213 -6.83 -0.26 3.68
C ILE A 213 -5.96 0.61 2.76
N LEU A 214 -5.12 1.47 3.37
CA LEU A 214 -4.21 2.31 2.58
C LEU A 214 -3.24 1.46 1.77
N SER A 215 -2.92 0.25 2.27
CA SER A 215 -2.06 -0.64 1.51
CA SER A 215 -2.07 -0.67 1.53
C SER A 215 -2.76 -1.15 0.26
N HIS A 216 -4.08 -1.34 0.36
CA HIS A 216 -4.86 -1.79 -0.80
C HIS A 216 -5.03 -0.65 -1.79
N ILE A 217 -5.13 0.58 -1.28
CA ILE A 217 -5.22 1.74 -2.18
C ILE A 217 -3.88 1.90 -2.90
N ARG A 218 -2.78 1.67 -2.19
CA ARG A 218 -1.47 1.70 -2.87
C ARG A 218 -1.44 0.67 -3.99
N HIS A 219 -1.89 -0.54 -3.66
CA HIS A 219 -1.94 -1.63 -4.64
C HIS A 219 -2.74 -1.24 -5.88
N MET A 220 -3.94 -0.72 -5.65
CA MET A 220 -4.79 -0.31 -6.77
C MET A 220 -4.14 0.75 -7.64
N SER A 221 -3.52 1.74 -6.99
CA SER A 221 -2.79 2.78 -7.73
C SER A 221 -1.67 2.19 -8.59
N ASN A 222 -0.88 1.29 -8.01
CA ASN A 222 0.18 0.69 -8.80
C ASN A 222 -0.33 -0.08 -10.00
N LYS A 223 -1.39 -0.84 -9.83
CA LYS A 223 -1.92 -1.58 -10.93
C LYS A 223 -2.48 -0.65 -11.98
N GLY A 224 -3.18 0.38 -11.53
CA GLY A 224 -3.76 1.35 -12.44
C GLY A 224 -2.68 2.10 -13.22
N MET A 225 -1.62 2.50 -12.53
CA MET A 225 -0.52 3.21 -13.18
C MET A 225 0.10 2.39 -14.30
N GLU A 226 0.30 1.09 -14.04
CA GLU A 226 0.81 0.17 -15.04
C GLU A 226 -0.07 0.19 -16.30
N HIS A 227 -1.38 0.08 -16.10
CA HIS A 227 -2.33 0.09 -17.22
C HIS A 227 -2.37 1.45 -17.93
N LEU A 228 -2.30 2.53 -17.16
CA LEU A 228 -2.32 3.88 -17.75
C LEU A 228 -1.13 4.05 -18.67
N TYR A 229 0.02 3.55 -18.25
CA TYR A 229 1.19 3.55 -19.09
C TYR A 229 0.96 2.72 -20.32
N SER A 230 0.31 1.58 -20.18
CA SER A 230 0.06 0.73 -21.33
C SER A 230 -0.79 1.48 -22.34
N MET A 231 -1.82 2.15 -21.87
CA MET A 231 -2.70 2.89 -22.75
C MET A 231 -2.00 4.00 -23.49
N LYS A 232 -1.13 4.74 -22.82
CA LYS A 232 -0.38 5.81 -23.47
C LYS A 232 0.48 5.28 -24.61
N CYS A 233 1.06 4.11 -24.40
CA CYS A 233 1.94 3.50 -25.40
C CYS A 233 1.12 2.87 -26.52
N LYS A 234 -0.19 2.84 -26.37
CA LYS A 234 -1.08 2.32 -27.41
C LYS A 234 -1.90 3.45 -28.06
N ASN A 235 -1.61 4.68 -27.64
CA ASN A 235 -2.28 5.88 -28.15
C ASN A 235 -3.81 5.79 -28.19
N VAL A 236 -4.40 5.38 -27.07
CA VAL A 236 -5.87 5.32 -27.00
C VAL A 236 -6.48 6.71 -26.89
N VAL A 237 -5.89 7.57 -26.07
CA VAL A 237 -6.30 8.97 -25.95
C VAL A 237 -5.09 9.85 -25.69
N PRO A 238 -5.19 11.14 -26.05
CA PRO A 238 -4.09 12.06 -25.70
C PRO A 238 -4.11 12.39 -24.22
N LEU A 239 -3.00 12.20 -23.54
CA LEU A 239 -2.88 12.60 -22.14
C LEU A 239 -2.40 14.04 -22.07
N SER A 240 -2.82 14.77 -21.04
CA SER A 240 -2.36 16.15 -20.89
C SER A 240 -0.86 16.17 -20.63
N ASP A 241 -0.22 17.30 -20.90
CA ASP A 241 1.20 17.44 -20.57
C ASP A 241 1.44 17.17 -19.09
N LEU A 242 0.50 17.60 -18.24
CA LEU A 242 0.65 17.37 -16.80
C LEU A 242 0.59 15.88 -16.49
N LEU A 243 -0.43 15.21 -17.01
CA LEU A 243 -0.60 13.78 -16.76
C LEU A 243 0.58 13.00 -17.32
N LEU A 244 1.12 13.44 -18.45
CA LEU A 244 2.28 12.80 -19.03
C LEU A 244 3.46 12.85 -18.05
N GLU A 245 3.68 14.02 -17.47
CA GLU A 245 4.75 14.16 -16.50
C GLU A 245 4.47 13.39 -15.21
N MET A 246 3.22 13.38 -14.73
CA MET A 246 2.86 12.61 -13.52
C MET A 246 3.07 11.12 -13.75
N LEU A 247 2.69 10.67 -14.95
CA LEU A 247 2.76 9.28 -15.33
C LEU A 247 4.22 8.84 -15.46
N ASP A 248 5.01 9.67 -16.15
CA ASP A 248 6.45 9.43 -16.32
C ASP A 248 7.22 9.28 -15.01
N ALA A 249 6.74 9.96 -13.97
CA ALA A 249 7.37 9.87 -12.66
C ALA A 249 7.34 8.45 -12.12
N HIS A 250 6.39 7.64 -12.59
CA HIS A 250 6.27 6.26 -12.14
C HIS A 250 7.01 5.28 -13.05
N ARG A 251 7.68 5.81 -14.07
CA ARG A 251 8.51 4.99 -14.97
C ARG A 251 9.88 5.62 -15.17
N SER B 8 -12.44 -19.93 16.83
CA SER B 8 -11.57 -21.07 17.04
C SER B 8 -10.52 -20.79 18.10
N LEU B 9 -9.48 -21.60 18.13
CA LEU B 9 -8.48 -21.53 19.19
C LEU B 9 -7.42 -20.47 18.92
N ALA B 10 -7.42 -19.94 17.70
CA ALA B 10 -6.50 -18.86 17.36
C ALA B 10 -6.90 -17.56 18.04
N LEU B 11 -8.22 -17.32 18.13
CA LEU B 11 -8.74 -16.12 18.75
C LEU B 11 -8.71 -16.18 20.28
N SER B 12 -8.36 -17.35 20.81
CA SER B 12 -8.33 -17.53 22.26
C SER B 12 -6.94 -17.28 22.82
N LEU B 13 -5.96 -17.17 21.93
CA LEU B 13 -4.58 -16.92 22.34
C LEU B 13 -4.43 -15.61 23.11
N THR B 14 -3.55 -15.62 24.12
CA THR B 14 -3.17 -14.38 24.77
C THR B 14 -2.16 -13.64 23.91
N ALA B 15 -1.80 -12.42 24.31
CA ALA B 15 -0.83 -11.64 23.55
C ALA B 15 0.55 -12.29 23.58
N ASP B 16 0.98 -12.74 24.76
CA ASP B 16 2.27 -13.39 24.93
C ASP B 16 2.33 -14.72 24.16
N GLN B 17 1.22 -15.44 24.15
CA GLN B 17 1.14 -16.69 23.41
C GLN B 17 1.17 -16.47 21.91
N MET B 18 0.54 -15.39 21.47
CA MET B 18 0.57 -14.99 20.06
C MET B 18 2.00 -14.68 19.66
N VAL B 19 2.68 -13.86 20.47
CA VAL B 19 4.08 -13.54 20.25
C VAL B 19 4.98 -14.79 20.29
N SER B 20 4.85 -15.62 21.32
CA SER B 20 5.68 -16.82 21.39
C SER B 20 5.39 -17.74 20.19
N ALA B 21 4.13 -17.81 19.77
CA ALA B 21 3.76 -18.64 18.61
C ALA B 21 4.41 -18.16 17.31
N LEU B 22 4.37 -16.85 17.08
CA LEU B 22 4.99 -16.26 15.89
C LEU B 22 6.51 -16.40 15.96
N LEU B 23 7.08 -16.25 17.16
CA LEU B 23 8.52 -16.37 17.31
C LEU B 23 8.98 -17.78 16.99
N ASP B 24 8.23 -18.77 17.43
CA ASP B 24 8.60 -20.17 17.24
C ASP B 24 8.50 -20.57 15.76
N ALA B 25 7.64 -19.88 15.02
CA ALA B 25 7.36 -20.20 13.62
C ALA B 25 8.36 -19.60 12.63
N GLU B 26 9.24 -18.73 13.13
CA GLU B 26 10.20 -18.04 12.28
C GLU B 26 11.08 -18.99 11.44
N PRO B 27 11.18 -18.72 10.12
CA PRO B 27 12.06 -19.53 9.26
C PRO B 27 13.53 -19.23 9.54
N PRO B 28 14.44 -20.13 9.13
CA PRO B 28 15.87 -19.86 9.31
C PRO B 28 16.41 -18.88 8.29
N ILE B 29 17.62 -18.40 8.51
CA ILE B 29 18.26 -17.55 7.52
C ILE B 29 19.13 -18.40 6.59
N LEU B 30 18.73 -18.46 5.33
CA LEU B 30 19.37 -19.37 4.38
C LEU B 30 20.61 -18.77 3.72
N TYR B 31 21.54 -19.63 3.30
CA TYR B 31 22.73 -19.18 2.61
C TYR B 31 22.50 -19.14 1.10
N SER B 32 23.21 -18.25 0.42
CA SER B 32 23.16 -18.22 -1.03
C SER B 32 24.29 -19.06 -1.61
N GLU B 33 24.39 -19.04 -2.92
CA GLU B 33 25.48 -19.69 -3.62
C GLU B 33 26.39 -18.63 -4.20
N TYR B 34 26.67 -17.58 -3.43
CA TYR B 34 27.55 -16.52 -3.89
C TYR B 34 28.83 -17.16 -4.34
N PHE B 40 29.81 -9.39 -10.71
CA PHE B 40 29.51 -10.39 -11.69
C PHE B 40 28.46 -9.82 -12.63
N SER B 41 27.45 -10.60 -12.97
CA SER B 41 26.64 -10.34 -14.15
C SER B 41 25.18 -10.11 -13.78
N GLU B 42 24.38 -9.60 -14.71
CA GLU B 42 22.95 -9.78 -14.66
C GLU B 42 22.49 -11.22 -14.40
N ALA B 43 23.06 -12.18 -15.13
CA ALA B 43 22.67 -13.59 -15.08
C ALA B 43 23.04 -14.23 -13.74
N SER B 44 24.26 -13.95 -13.27
CA SER B 44 24.75 -14.55 -12.03
C SER B 44 23.99 -14.02 -10.84
N MET B 45 23.82 -12.70 -10.81
CA MET B 45 23.14 -12.03 -9.72
C MET B 45 21.70 -12.50 -9.60
N MET B 46 21.03 -12.64 -10.74
CA MET B 46 19.64 -13.09 -10.75
C MET B 46 19.55 -14.56 -10.38
N GLY B 47 20.56 -15.34 -10.81
CA GLY B 47 20.65 -16.74 -10.44
C GLY B 47 20.67 -16.91 -8.94
N LEU B 48 21.55 -16.17 -8.28
CA LEU B 48 21.69 -16.21 -6.83
C LEU B 48 20.40 -15.84 -6.11
N LEU B 49 19.79 -14.73 -6.53
CA LEU B 49 18.57 -14.25 -5.87
C LEU B 49 17.40 -15.20 -6.10
N THR B 50 17.32 -15.75 -7.30
CA THR B 50 16.22 -16.63 -7.64
C THR B 50 16.32 -17.94 -6.84
N ASN B 51 17.51 -18.53 -6.83
CA ASN B 51 17.77 -19.74 -6.05
C ASN B 51 17.44 -19.56 -4.58
N LEU B 52 17.87 -18.44 -4.02
CA LEU B 52 17.58 -18.09 -2.64
C LEU B 52 16.08 -17.94 -2.40
N ALA B 53 15.45 -17.14 -3.22
CA ALA B 53 14.05 -16.90 -3.06
C ALA B 53 13.29 -18.20 -3.13
N ASP B 54 13.66 -19.06 -4.05
CA ASP B 54 12.99 -20.34 -4.21
C ASP B 54 13.06 -21.19 -2.96
N ARG B 55 14.22 -21.29 -2.35
CA ARG B 55 14.36 -22.00 -1.12
C ARG B 55 13.59 -21.38 0.02
N GLU B 56 13.60 -20.07 0.09
CA GLU B 56 12.85 -19.34 1.10
C GLU B 56 11.36 -19.59 0.98
N LEU B 57 10.89 -19.70 -0.25
CA LEU B 57 9.47 -19.88 -0.44
C LEU B 57 8.97 -21.16 0.23
N VAL B 58 9.76 -22.22 0.19
CA VAL B 58 9.32 -23.47 0.78
C VAL B 58 9.16 -23.29 2.29
N HIS B 59 10.09 -22.58 2.93
CA HIS B 59 9.97 -22.29 4.36
C HIS B 59 8.81 -21.35 4.68
N MET B 60 8.52 -20.44 3.75
CA MET B 60 7.45 -19.47 3.95
C MET B 60 6.13 -20.20 3.99
N ILE B 61 5.96 -21.16 3.08
CA ILE B 61 4.72 -21.90 3.05
C ILE B 61 4.50 -22.63 4.37
N ASN B 62 5.54 -23.26 4.90
CA ASN B 62 5.34 -23.94 6.16
C ASN B 62 5.27 -22.98 7.34
N TRP B 63 5.83 -21.78 7.20
CA TRP B 63 5.68 -20.75 8.23
C TRP B 63 4.22 -20.24 8.29
N ALA B 64 3.60 -20.06 7.13
CA ALA B 64 2.24 -19.54 7.07
C ALA B 64 1.26 -20.47 7.81
N LYS B 65 1.47 -21.78 7.69
CA LYS B 65 0.60 -22.76 8.33
C LYS B 65 0.71 -22.69 9.85
N ARG B 66 1.75 -22.00 10.34
CA ARG B 66 1.93 -21.82 11.77
C ARG B 66 1.47 -20.45 12.26
N VAL B 67 1.07 -19.59 11.33
CA VAL B 67 0.47 -18.32 11.70
C VAL B 67 -0.96 -18.57 12.15
N PRO B 68 -1.24 -18.24 13.42
CA PRO B 68 -2.54 -18.60 14.03
C PRO B 68 -3.71 -18.08 13.22
N GLY B 69 -4.65 -18.98 12.91
CA GLY B 69 -5.83 -18.63 12.15
C GLY B 69 -5.72 -18.93 10.66
N PHE B 70 -4.50 -19.02 10.15
CA PHE B 70 -4.28 -19.22 8.71
C PHE B 70 -4.84 -20.56 8.22
N VAL B 71 -4.56 -21.64 8.95
CA VAL B 71 -5.00 -22.95 8.49
C VAL B 71 -6.49 -23.15 8.70
N ASP B 72 -7.14 -22.20 9.39
CA ASP B 72 -8.59 -22.20 9.50
C ASP B 72 -9.24 -21.85 8.16
N LEU B 73 -8.49 -21.12 7.33
CA LEU B 73 -9.04 -20.66 6.04
C LEU B 73 -9.10 -21.80 5.03
N THR B 74 -9.91 -21.64 4.00
CA THR B 74 -9.95 -22.64 2.94
C THR B 74 -8.59 -22.70 2.28
N LEU B 75 -8.28 -23.83 1.67
CA LEU B 75 -7.05 -23.98 0.92
C LEU B 75 -6.99 -22.94 -0.20
N HIS B 76 -8.14 -22.68 -0.82
CA HIS B 76 -8.28 -21.63 -1.83
C HIS B 76 -7.77 -20.29 -1.33
N ASP B 77 -8.23 -19.91 -0.15
CA ASP B 77 -7.84 -18.62 0.40
C ASP B 77 -6.38 -18.60 0.84
N GLN B 78 -5.91 -19.73 1.39
CA GLN B 78 -4.51 -19.81 1.78
C GLN B 78 -3.59 -19.62 0.57
N VAL B 79 -3.95 -20.24 -0.56
CA VAL B 79 -3.21 -20.10 -1.79
C VAL B 79 -3.19 -18.65 -2.26
N HIS B 80 -4.37 -18.03 -2.23
CA HIS B 80 -4.53 -16.66 -2.69
C HIS B 80 -3.65 -15.72 -1.88
N LEU B 81 -3.65 -15.88 -0.56
CA LEU B 81 -2.87 -14.99 0.30
C LEU B 81 -1.38 -15.09 0.03
N LEU B 82 -0.88 -16.32 -0.06
CA LEU B 82 0.53 -16.52 -0.35
C LEU B 82 0.92 -16.02 -1.75
N GLU B 83 0.07 -16.25 -2.74
CA GLU B 83 0.34 -15.74 -4.09
C GLU B 83 0.45 -14.22 -4.09
N CYS B 84 -0.40 -13.58 -3.31
CA CYS B 84 -0.42 -12.12 -3.23
C CYS B 84 0.74 -11.57 -2.41
N ALA B 85 1.07 -12.26 -1.32
CA ALA B 85 1.99 -11.68 -0.34
C ALA B 85 3.44 -12.15 -0.40
N TRP B 86 3.79 -13.11 -1.25
CA TRP B 86 5.11 -13.75 -1.05
C TRP B 86 6.29 -12.79 -1.23
N LEU B 87 6.21 -11.82 -2.16
CA LEU B 87 7.37 -10.95 -2.32
C LEU B 87 7.43 -9.93 -1.17
N GLU B 88 6.26 -9.42 -0.75
CA GLU B 88 6.22 -8.54 0.42
C GLU B 88 6.89 -9.19 1.61
N ILE B 89 6.55 -10.45 1.82
CA ILE B 89 7.09 -11.20 2.94
C ILE B 89 8.61 -11.43 2.81
N LEU B 90 9.07 -11.75 1.60
CA LEU B 90 10.53 -11.88 1.36
C LEU B 90 11.22 -10.54 1.61
N MET B 91 10.56 -9.46 1.21
CA MET B 91 11.14 -8.12 1.36
C MET B 91 11.16 -7.66 2.81
N ILE B 92 10.10 -7.90 3.58
CA ILE B 92 10.13 -7.44 4.97
C ILE B 92 11.17 -8.28 5.71
N GLY B 93 11.30 -9.55 5.32
CA GLY B 93 12.35 -10.38 5.88
C GLY B 93 13.73 -9.79 5.63
N LEU B 94 13.96 -9.38 4.38
CA LEU B 94 15.25 -8.83 3.96
C LEU B 94 15.56 -7.53 4.71
N VAL B 95 14.55 -6.67 4.81
CA VAL B 95 14.72 -5.39 5.48
C VAL B 95 15.05 -5.60 6.96
N TRP B 96 14.36 -6.55 7.58
CA TRP B 96 14.62 -6.88 8.97
C TRP B 96 16.07 -7.33 9.19
N ARG B 97 16.55 -8.28 8.40
CA ARG B 97 17.90 -8.78 8.68
C ARG B 97 18.99 -7.81 8.19
N SER B 98 18.62 -6.79 7.43
CA SER B 98 19.60 -5.78 7.03
C SER B 98 19.66 -4.58 7.98
N MET B 99 18.85 -4.57 9.02
CA MET B 99 18.74 -3.40 9.89
C MET B 99 20.06 -2.91 10.45
N GLU B 100 20.88 -3.85 10.91
CA GLU B 100 22.13 -3.50 11.57
C GLU B 100 23.28 -3.41 10.57
N HIS B 101 22.93 -3.32 9.30
CA HIS B 101 23.91 -3.16 8.23
C HIS B 101 23.56 -1.95 7.38
N PRO B 102 23.83 -0.73 7.89
CA PRO B 102 23.47 0.50 7.18
C PRO B 102 24.04 0.54 5.77
N GLY B 103 23.20 0.84 4.80
CA GLY B 103 23.62 0.95 3.41
C GLY B 103 23.82 -0.38 2.71
N LYS B 104 23.48 -1.47 3.37
CA LYS B 104 23.69 -2.81 2.84
C LYS B 104 22.45 -3.69 2.99
N LEU B 105 22.21 -4.55 2.00
CA LEU B 105 21.15 -5.55 2.13
C LEU B 105 21.74 -6.94 2.40
N LEU B 106 21.34 -7.54 3.51
CA LEU B 106 21.83 -8.86 3.88
C LEU B 106 20.91 -9.90 3.29
N PHE B 107 21.09 -10.19 2.01
CA PHE B 107 20.29 -11.21 1.35
C PHE B 107 20.54 -12.57 2.01
N ALA B 108 21.80 -12.79 2.36
CA ALA B 108 22.23 -14.00 3.02
C ALA B 108 23.46 -13.62 3.83
N PRO B 109 23.78 -14.40 4.88
CA PRO B 109 25.03 -14.17 5.63
C PRO B 109 26.24 -13.99 4.72
N ASN B 110 26.30 -14.80 3.66
CA ASN B 110 27.42 -14.74 2.74
C ASN B 110 27.08 -13.96 1.48
N LEU B 111 26.11 -13.05 1.59
CA LEU B 111 25.70 -12.25 0.46
C LEU B 111 25.19 -10.90 0.96
N LEU B 112 26.15 -10.04 1.28
CA LEU B 112 25.88 -8.70 1.75
C LEU B 112 26.11 -7.73 0.61
N LEU B 113 25.03 -7.20 0.05
CA LEU B 113 25.14 -6.35 -1.13
C LEU B 113 24.84 -4.89 -0.82
N ASP B 114 25.44 -3.99 -1.59
CA ASP B 114 25.23 -2.57 -1.45
C ASP B 114 24.51 -2.12 -2.69
N ARG B 115 24.02 -0.89 -2.73
CA ARG B 115 23.19 -0.39 -3.82
C ARG B 115 23.92 -0.45 -5.17
N ASN B 116 25.24 -0.34 -5.15
CA ASN B 116 26.01 -0.39 -6.38
C ASN B 116 25.95 -1.77 -7.00
N GLN B 117 25.89 -2.80 -6.15
CA GLN B 117 25.82 -4.17 -6.65
C GLN B 117 24.44 -4.45 -7.19
N GLY B 118 23.47 -3.60 -6.84
CA GLY B 118 22.13 -3.71 -7.37
C GLY B 118 21.99 -3.12 -8.77
N LYS B 119 23.04 -2.44 -9.23
CA LYS B 119 23.05 -1.88 -10.57
C LYS B 119 23.29 -2.96 -11.63
N CYS B 120 23.80 -4.11 -11.20
CA CYS B 120 24.12 -5.22 -12.11
C CYS B 120 22.88 -5.70 -12.85
N VAL B 121 21.73 -5.61 -12.19
CA VAL B 121 20.47 -5.96 -12.82
C VAL B 121 19.67 -4.69 -13.08
N GLU B 122 19.12 -4.58 -14.29
CA GLU B 122 18.37 -3.39 -14.69
C GLU B 122 17.15 -3.16 -13.81
N GLY B 123 16.95 -1.91 -13.40
CA GLY B 123 15.80 -1.51 -12.61
C GLY B 123 15.86 -1.96 -11.16
N MET B 124 16.91 -2.69 -10.81
CA MET B 124 16.99 -3.28 -9.48
C MET B 124 17.50 -2.29 -8.45
N VAL B 125 18.31 -1.34 -8.89
CA VAL B 125 18.89 -0.38 -7.95
C VAL B 125 17.79 0.50 -7.36
N GLU B 126 16.78 0.80 -8.14
CA GLU B 126 15.65 1.58 -7.65
C GLU B 126 14.98 0.85 -6.49
N ILE B 127 14.75 -0.45 -6.66
CA ILE B 127 14.13 -1.22 -5.58
C ILE B 127 15.11 -1.34 -4.40
N PHE B 128 16.38 -1.58 -4.69
CA PHE B 128 17.40 -1.62 -3.65
C PHE B 128 17.37 -0.38 -2.77
N ASP B 129 17.31 0.79 -3.40
CA ASP B 129 17.22 2.05 -2.67
C ASP B 129 15.99 2.10 -1.76
N MET B 130 14.86 1.60 -2.25
CA MET B 130 13.63 1.60 -1.46
C MET B 130 13.76 0.65 -0.26
N LEU B 131 14.35 -0.51 -0.50
CA LEU B 131 14.56 -1.49 0.55
C LEU B 131 15.48 -0.92 1.62
N LEU B 132 16.57 -0.30 1.18
CA LEU B 132 17.52 0.37 2.07
C LEU B 132 16.84 1.46 2.91
N ALA B 133 15.97 2.25 2.29
CA ALA B 133 15.29 3.30 3.01
C ALA B 133 14.34 2.71 4.04
N THR B 134 13.77 1.54 3.73
CA THR B 134 12.87 0.86 4.65
C THR B 134 13.65 0.31 5.85
N SER B 135 14.81 -0.28 5.57
CA SER B 135 15.69 -0.78 6.62
C SER B 135 16.12 0.36 7.54
N SER B 136 16.49 1.49 6.94
CA SER B 136 16.87 2.67 7.70
C SER B 136 15.72 3.14 8.59
N ARG B 137 14.50 3.08 8.09
CA ARG B 137 13.33 3.45 8.88
C ARG B 137 13.16 2.51 10.10
N PHE B 138 13.25 1.20 9.89
CA PHE B 138 13.15 0.23 10.98
C PHE B 138 14.24 0.45 12.03
N ARG B 139 15.44 0.76 11.55
CA ARG B 139 16.57 1.02 12.43
C ARG B 139 16.32 2.25 13.30
N MET B 140 15.80 3.31 12.69
CA MET B 140 15.50 4.54 13.42
C MET B 140 14.40 4.32 14.47
N MET B 141 13.37 3.56 14.11
CA MET B 141 12.27 3.26 15.02
C MET B 141 12.67 2.24 16.07
N ASN B 142 13.87 1.69 15.94
CA ASN B 142 14.30 0.57 16.77
C ASN B 142 13.28 -0.56 16.79
N LEU B 143 12.86 -1.00 15.60
CA LEU B 143 11.91 -2.11 15.49
C LEU B 143 12.39 -3.33 16.26
N GLN B 144 11.47 -3.93 16.99
CA GLN B 144 11.77 -5.09 17.83
C GLN B 144 11.38 -6.37 17.11
N GLY B 145 12.07 -7.47 17.43
CA GLY B 145 11.75 -8.76 16.84
C GLY B 145 10.29 -9.14 16.95
N GLU B 146 9.70 -8.91 18.12
CA GLU B 146 8.31 -9.23 18.39
C GLU B 146 7.36 -8.40 17.52
N GLU B 147 7.77 -7.17 17.21
CA GLU B 147 6.98 -6.33 16.32
C GLU B 147 7.10 -6.79 14.87
N PHE B 148 8.31 -7.17 14.49
CA PHE B 148 8.54 -7.65 13.14
C PHE B 148 7.67 -8.85 12.79
N VAL B 149 7.60 -9.84 13.69
CA VAL B 149 6.84 -11.05 13.38
C VAL B 149 5.33 -10.73 13.29
N CYS B 150 4.84 -9.82 14.12
CA CYS B 150 3.46 -9.36 13.98
C CYS B 150 3.21 -8.71 12.62
N LEU B 151 4.08 -7.79 12.22
CA LEU B 151 3.94 -7.11 10.94
C LEU B 151 3.96 -8.08 9.77
N LYS B 152 4.81 -9.09 9.87
CA LYS B 152 4.94 -10.03 8.78
C LYS B 152 3.65 -10.86 8.66
N SER B 153 3.06 -11.23 9.80
CA SER B 153 1.79 -11.95 9.80
C SER B 153 0.67 -11.06 9.23
N ILE B 154 0.72 -9.78 9.55
CA ILE B 154 -0.30 -8.85 9.04
C ILE B 154 -0.21 -8.78 7.51
N ILE B 155 1.01 -8.75 6.98
CA ILE B 155 1.18 -8.74 5.52
C ILE B 155 0.53 -9.96 4.88
N LEU B 156 0.78 -11.14 5.44
CA LEU B 156 0.19 -12.37 4.96
C LEU B 156 -1.34 -12.26 4.95
N LEU B 157 -1.94 -11.82 6.06
CA LEU B 157 -3.38 -11.89 6.17
C LEU B 157 -4.06 -10.72 5.46
N ASN B 158 -3.37 -9.59 5.37
CA ASN B 158 -3.96 -8.39 4.77
C ASN B 158 -3.81 -8.32 3.25
N SER B 159 -2.77 -8.94 2.72
CA SER B 159 -2.48 -8.69 1.34
C SER B 159 -3.25 -9.65 0.44
N GLU B 173 -18.08 -15.66 6.29
CA GLU B 173 -17.52 -15.76 7.63
C GLU B 173 -16.00 -15.90 7.58
N GLU B 174 -15.47 -16.31 6.44
CA GLU B 174 -14.02 -16.33 6.21
C GLU B 174 -13.36 -14.96 6.22
N LYS B 175 -13.96 -14.01 5.55
CA LYS B 175 -13.39 -12.65 5.51
C LYS B 175 -13.49 -12.01 6.89
N ASP B 176 -14.47 -12.40 7.68
CA ASP B 176 -14.61 -11.89 9.05
C ASP B 176 -13.61 -12.58 9.94
N HIS B 177 -13.35 -13.84 9.68
CA HIS B 177 -12.35 -14.56 10.46
C HIS B 177 -10.98 -13.91 10.29
N ILE B 178 -10.60 -13.63 9.04
CA ILE B 178 -9.34 -12.95 8.76
C ILE B 178 -9.26 -11.61 9.48
N HIS B 179 -10.37 -10.89 9.51
CA HIS B 179 -10.41 -9.60 10.18
C HIS B 179 -10.34 -9.75 11.70
N ARG B 180 -10.90 -10.82 12.23
CA ARG B 180 -10.83 -11.07 13.66
C ARG B 180 -9.41 -11.38 14.07
N VAL B 181 -8.74 -12.16 13.27
CA VAL B 181 -7.32 -12.45 13.53
C VAL B 181 -6.46 -11.20 13.41
N LEU B 182 -6.74 -10.36 12.41
CA LEU B 182 -5.99 -9.14 12.24
C LEU B 182 -6.14 -8.21 13.45
N ASP B 183 -7.36 -8.10 13.99
CA ASP B 183 -7.57 -7.29 15.18
C ASP B 183 -6.73 -7.83 16.33
N LYS B 184 -6.68 -9.16 16.42
CA LYS B 184 -5.90 -9.82 17.46
C LYS B 184 -4.42 -9.46 17.36
N ILE B 185 -3.89 -9.43 16.14
CA ILE B 185 -2.50 -9.05 15.97
C ILE B 185 -2.29 -7.57 16.30
N THR B 186 -3.29 -6.74 16.00
CA THR B 186 -3.22 -5.33 16.42
C THR B 186 -3.15 -5.25 17.95
N ASP B 187 -4.04 -5.95 18.64
CA ASP B 187 -4.00 -6.06 20.09
C ASP B 187 -2.62 -6.48 20.58
N THR B 188 -2.00 -7.42 19.85
CA THR B 188 -0.71 -7.96 20.25
C THR B 188 0.39 -6.92 20.10
N LEU B 189 0.38 -6.18 19.00
CA LEU B 189 1.33 -5.08 18.80
C LEU B 189 1.22 -4.04 19.91
N ILE B 190 -0.01 -3.65 20.25
CA ILE B 190 -0.24 -2.64 21.28
C ILE B 190 0.23 -3.15 22.63
N HIS B 191 -0.05 -4.42 22.91
CA HIS B 191 0.44 -5.09 24.12
C HIS B 191 1.96 -4.98 24.30
N LEU B 192 2.70 -5.26 23.23
CA LEU B 192 4.15 -5.16 23.21
C LEU B 192 4.62 -3.74 23.50
N MET B 193 3.94 -2.77 22.90
CA MET B 193 4.30 -1.37 23.09
C MET B 193 4.00 -0.91 24.50
N ALA B 194 2.82 -1.24 25.02
CA ALA B 194 2.48 -0.86 26.39
C ALA B 194 3.45 -1.54 27.37
N LYS B 195 3.81 -2.79 27.07
CA LYS B 195 4.73 -3.54 27.92
C LYS B 195 6.11 -2.90 27.89
N ALA B 196 6.43 -2.25 26.77
CA ALA B 196 7.71 -1.58 26.59
C ALA B 196 7.73 -0.23 27.30
N GLY B 197 6.57 0.23 27.76
CA GLY B 197 6.52 1.41 28.60
C GLY B 197 6.04 2.66 27.85
N LEU B 198 5.67 2.47 26.59
CA LEU B 198 5.17 3.57 25.77
C LEU B 198 3.84 4.10 26.32
N THR B 199 3.66 5.42 26.28
CA THR B 199 2.40 6.01 26.70
C THR B 199 1.31 5.61 25.71
N LEU B 200 0.06 5.81 26.10
CA LEU B 200 -1.07 5.56 25.20
C LEU B 200 -0.91 6.33 23.88
N GLN B 201 -0.55 7.60 23.97
CA GLN B 201 -0.35 8.39 22.75
C GLN B 201 0.78 7.82 21.90
N GLN B 202 1.87 7.44 22.56
CA GLN B 202 3.02 6.85 21.86
C GLN B 202 2.69 5.50 21.20
N GLN B 203 1.83 4.73 21.83
CA GLN B 203 1.45 3.43 21.27
C GLN B 203 0.71 3.62 19.95
N HIS B 204 -0.29 4.48 19.98
CA HIS B 204 -1.07 4.75 18.77
C HIS B 204 -0.19 5.30 17.66
N GLN B 205 0.70 6.22 18.00
CA GLN B 205 1.58 6.77 16.99
C GLN B 205 2.49 5.71 16.39
N ARG B 206 3.05 4.85 17.23
CA ARG B 206 3.96 3.83 16.71
C ARG B 206 3.22 2.77 15.90
N LEU B 207 2.01 2.44 16.33
CA LEU B 207 1.20 1.49 15.56
C LEU B 207 0.97 2.02 14.15
N ALA B 208 0.59 3.29 14.07
CA ALA B 208 0.38 3.93 12.77
C ALA B 208 1.65 3.97 11.94
N GLN B 209 2.79 4.28 12.57
CA GLN B 209 4.05 4.38 11.85
C GLN B 209 4.40 3.04 11.22
N LEU B 210 4.21 1.96 11.98
CA LEU B 210 4.51 0.62 11.49
C LEU B 210 3.57 0.18 10.37
N LEU B 211 2.28 0.42 10.53
CA LEU B 211 1.33 0.01 9.49
C LEU B 211 1.50 0.81 8.19
N LEU B 212 1.89 2.08 8.31
CA LEU B 212 2.15 2.87 7.10
C LEU B 212 3.37 2.36 6.34
N ILE B 213 4.29 1.69 7.04
CA ILE B 213 5.44 1.12 6.34
C ILE B 213 4.96 -0.02 5.45
N LEU B 214 3.84 -0.64 5.81
CA LEU B 214 3.31 -1.73 4.99
C LEU B 214 2.87 -1.26 3.62
N SER B 215 2.38 0.00 3.54
CA SER B 215 2.08 0.60 2.25
C SER B 215 3.31 0.67 1.37
N HIS B 216 4.45 1.02 1.98
CA HIS B 216 5.71 1.08 1.24
CA HIS B 216 5.71 1.08 1.23
C HIS B 216 6.18 -0.31 0.80
N ILE B 217 5.95 -1.29 1.66
CA ILE B 217 6.36 -2.66 1.31
C ILE B 217 5.49 -3.18 0.15
N ARG B 218 4.18 -2.90 0.19
CA ARG B 218 3.30 -3.19 -0.95
C ARG B 218 3.84 -2.56 -2.21
N HIS B 219 4.14 -1.26 -2.14
CA HIS B 219 4.66 -0.53 -3.29
C HIS B 219 5.92 -1.21 -3.87
N MET B 220 6.86 -1.57 -3.02
CA MET B 220 8.07 -2.23 -3.51
C MET B 220 7.79 -3.58 -4.15
N SER B 221 6.87 -4.34 -3.58
CA SER B 221 6.51 -5.62 -4.14
C SER B 221 5.89 -5.46 -5.54
N ASN B 222 4.98 -4.51 -5.68
CA ASN B 222 4.35 -4.31 -6.96
C ASN B 222 5.36 -3.90 -8.03
N LYS B 223 6.32 -3.07 -7.65
CA LYS B 223 7.33 -2.62 -8.60
C LYS B 223 8.26 -3.76 -8.99
N GLY B 224 8.64 -4.57 -8.01
CA GLY B 224 9.55 -5.69 -8.24
C GLY B 224 8.89 -6.77 -9.07
N MET B 225 7.61 -7.03 -8.79
CA MET B 225 6.86 -8.04 -9.52
C MET B 225 6.77 -7.66 -10.99
N GLU B 226 6.65 -6.35 -11.24
CA GLU B 226 6.59 -5.83 -12.61
C GLU B 226 7.88 -6.14 -13.36
N HIS B 227 9.00 -6.04 -12.66
CA HIS B 227 10.28 -6.42 -13.26
C HIS B 227 10.37 -7.93 -13.47
N LEU B 228 9.92 -8.71 -12.49
CA LEU B 228 9.97 -10.18 -12.61
C LEU B 228 9.19 -10.73 -13.79
N TYR B 229 7.96 -10.26 -14.01
CA TYR B 229 7.20 -10.78 -15.14
C TYR B 229 7.52 -9.99 -16.40
N SER B 230 8.62 -9.25 -16.34
CA SER B 230 9.22 -8.64 -17.54
C SER B 230 10.45 -9.44 -17.94
N MET B 231 11.30 -9.73 -16.95
CA MET B 231 12.51 -10.54 -17.16
C MET B 231 12.16 -11.99 -17.45
N LYS B 232 10.96 -12.40 -17.08
CA LYS B 232 10.45 -13.73 -17.42
C LYS B 232 10.18 -13.85 -18.91
N CYS B 233 9.36 -12.97 -19.44
CA CYS B 233 8.97 -13.04 -20.84
C CYS B 233 10.19 -13.09 -21.72
N LYS B 234 11.30 -12.62 -21.16
CA LYS B 234 12.65 -12.73 -21.69
C LYS B 234 13.31 -14.10 -21.77
N ASN B 235 13.16 -14.90 -20.74
CA ASN B 235 14.14 -15.94 -20.41
C ASN B 235 15.60 -15.57 -20.08
N VAL B 236 15.77 -14.56 -19.23
CA VAL B 236 17.09 -14.22 -18.73
C VAL B 236 17.71 -15.37 -17.95
N VAL B 237 16.95 -15.96 -17.05
CA VAL B 237 17.50 -16.93 -16.14
C VAL B 237 16.45 -17.98 -16.14
N PRO B 238 16.85 -19.27 -15.85
CA PRO B 238 15.75 -20.13 -15.41
C PRO B 238 15.17 -19.68 -14.12
N LEU B 239 13.87 -19.74 -13.99
CA LEU B 239 13.23 -19.48 -12.73
C LEU B 239 12.37 -20.69 -12.49
N SER B 240 12.19 -21.10 -11.25
CA SER B 240 11.64 -22.41 -10.91
C SER B 240 10.14 -22.57 -11.15
N ASP B 241 9.65 -23.80 -11.18
CA ASP B 241 8.23 -24.00 -11.47
C ASP B 241 7.36 -23.29 -10.46
N LEU B 242 7.68 -23.43 -9.18
CA LEU B 242 6.94 -22.75 -8.12
C LEU B 242 6.95 -21.24 -8.30
N LEU B 243 8.14 -20.70 -8.52
CA LEU B 243 8.28 -19.25 -8.69
C LEU B 243 7.48 -18.80 -9.91
N LEU B 244 7.60 -19.55 -11.00
CA LEU B 244 6.86 -19.25 -12.22
C LEU B 244 5.35 -19.23 -11.98
N GLU B 245 4.87 -20.14 -11.14
CA GLU B 245 3.45 -20.17 -10.83
C GLU B 245 3.07 -19.01 -9.92
N MET B 246 3.90 -18.64 -8.97
CA MET B 246 3.57 -17.53 -8.13
C MET B 246 3.57 -16.31 -9.03
N LEU B 247 4.63 -16.13 -9.77
CA LEU B 247 4.78 -14.95 -10.62
C LEU B 247 3.60 -14.81 -11.58
N ASP B 248 3.17 -15.94 -12.12
CA ASP B 248 2.10 -15.97 -13.09
C ASP B 248 0.78 -15.49 -12.51
N ALA B 249 0.62 -15.65 -11.19
CA ALA B 249 -0.61 -15.22 -10.53
C ALA B 249 -0.77 -13.70 -10.52
N HIS B 250 0.34 -13.00 -10.66
CA HIS B 250 0.31 -11.55 -10.74
C HIS B 250 0.04 -11.00 -12.12
N ARG B 251 -0.49 -11.81 -13.01
CA ARG B 251 -0.80 -11.35 -14.33
C ARG B 251 -2.08 -11.93 -14.88
N HIS C 2 11.53 23.29 -16.02
CA HIS C 2 11.03 22.52 -14.90
C HIS C 2 9.66 21.92 -15.17
N LYS C 3 9.25 21.01 -14.30
CA LYS C 3 7.98 20.31 -14.44
C LYS C 3 6.79 21.28 -14.37
N ILE C 4 5.72 20.91 -15.06
CA ILE C 4 4.46 21.62 -14.94
C ILE C 4 3.96 21.66 -13.50
N LEU C 5 4.04 20.52 -12.83
CA LEU C 5 3.62 20.44 -11.44
C LEU C 5 4.38 21.45 -10.60
N HIS C 6 5.67 21.59 -10.88
CA HIS C 6 6.51 22.52 -10.17
C HIS C 6 5.95 23.94 -10.33
N ARG C 7 5.51 24.26 -11.53
CA ARG C 7 4.93 25.59 -11.83
C ARG C 7 3.58 25.82 -11.14
N LEU C 8 2.71 24.83 -11.22
CA LEU C 8 1.38 24.93 -10.64
C LEU C 8 1.43 25.05 -9.12
N LEU C 9 2.44 24.44 -8.49
CA LEU C 9 2.57 24.55 -7.05
C LEU C 9 2.86 25.98 -6.59
N GLN C 10 3.36 26.82 -7.50
CA GLN C 10 3.68 28.20 -7.14
C GLN C 10 2.53 29.18 -7.34
N ASP C 11 1.61 28.85 -8.25
CA ASP C 11 0.48 29.72 -8.56
C ASP C 11 -0.69 29.54 -7.58
N LYS D 3 -2.14 -26.71 -8.47
CA LYS D 3 -0.87 -26.01 -8.60
C LYS D 3 0.09 -26.44 -7.50
N ILE D 4 1.38 -26.15 -7.71
CA ILE D 4 2.43 -26.54 -6.77
C ILE D 4 2.19 -26.00 -5.36
N LEU D 5 1.80 -24.74 -5.28
CA LEU D 5 1.54 -24.11 -4.00
C LEU D 5 0.41 -24.85 -3.26
N HIS D 6 -0.59 -25.26 -4.02
CA HIS D 6 -1.73 -25.99 -3.48
C HIS D 6 -1.31 -27.33 -2.87
N ARG D 7 -0.39 -28.03 -3.52
CA ARG D 7 0.14 -29.28 -3.00
C ARG D 7 0.90 -29.06 -1.68
N LEU D 8 1.78 -28.09 -1.69
CA LEU D 8 2.61 -27.84 -0.52
C LEU D 8 1.80 -27.47 0.67
N LEU D 9 0.76 -26.69 0.47
CA LEU D 9 -0.15 -26.35 1.54
C LEU D 9 -0.96 -27.48 2.08
N GLN D 10 -1.48 -28.28 1.16
CA GLN D 10 -2.45 -29.33 1.52
C GLN D 10 -1.86 -30.39 2.44
N ASP D 11 -0.55 -30.35 2.65
CA ASP D 11 0.10 -31.31 3.54
C ASP D 11 0.03 -30.87 5.00
C01 OB2 E . -10.38 8.94 -12.52
C02 OB2 E . -10.75 10.01 -11.73
C03 OB2 E . -10.98 9.88 -10.36
O01 OB2 E . -11.34 10.89 -9.62
C04 OB2 E . -10.80 8.66 -9.75
C05 OB2 E . -10.43 7.59 -10.53
C06 OB2 E . -10.23 7.70 -11.91
C07 OB2 E . -9.89 6.61 -12.58
C08 OB2 E . -9.11 6.37 -13.67
C09 OB2 E . -8.39 7.13 -14.47
C10 OB2 E . -8.44 6.94 -15.85
C11 OB2 E . -7.64 7.71 -16.69
C12 OB2 E . -6.76 8.65 -16.17
O02 OB2 E . -6.01 9.39 -16.99
C13 OB2 E . -6.69 8.85 -14.81
C14 OB2 E . -7.50 8.08 -13.97
C15 OB2 E . -9.03 4.97 -13.87
O03 OB2 E . -10.29 4.60 -13.43
C16 OB2 E . -10.25 5.29 -12.21
C17 OB2 E . -9.16 4.38 -11.63
C18 OB2 E . -8.13 4.41 -12.76
S01 OB2 E . -7.40 2.74 -13.09
O04 OB2 E . -8.49 1.85 -13.31
O05 OB2 E . -6.61 2.43 -11.93
N01 OB2 E . -6.56 2.99 -14.46
C19 OB2 E . -5.61 4.07 -14.36
C20 OB2 E . -6.74 2.30 -15.57
C21 OB2 E . -6.73 2.95 -16.80
C22 OB2 E . -6.89 2.22 -17.99
C23 OB2 E . -7.07 0.85 -17.94
C24 OB2 E . -7.09 0.19 -16.72
C25 OB2 E . -6.92 0.91 -15.55
C01 OB2 F . 15.30 -12.12 -2.90
C02 OB2 F . 15.23 -12.84 -1.73
C03 OB2 F . 14.82 -12.24 -0.57
O01 OB2 F . 14.73 -12.92 0.57
C04 OB2 F . 14.46 -10.91 -0.52
C05 OB2 F . 14.52 -10.20 -1.69
C06 OB2 F . 14.96 -10.77 -2.87
C07 OB2 F . 14.99 -9.99 -3.94
C08 OB2 F . 14.74 -10.20 -5.26
C09 OB2 F . 14.35 -11.25 -5.98
C10 OB2 F . 14.89 -11.49 -7.23
C11 OB2 F . 14.46 -12.55 -8.01
C12 OB2 F . 13.46 -13.38 -7.52
O02 OB2 F . 13.07 -14.41 -8.26
C13 OB2 F . 12.89 -13.16 -6.28
C14 OB2 F . 13.33 -12.08 -5.51
C15 OB2 F . 14.79 -8.97 -5.90
O03 OB2 F . 15.79 -8.31 -5.16
C16 OB2 F . 15.20 -8.58 -3.92
C17 OB2 F . 13.96 -7.69 -4.18
C18 OB2 F . 13.50 -8.22 -5.54
S01 OB2 F . 13.08 -6.95 -6.82
O04 OB2 F . 14.18 -6.02 -6.99
O05 OB2 F . 11.93 -6.34 -6.25
N01 OB2 F . 12.79 -7.70 -8.20
C19 OB2 F . 11.76 -8.72 -8.18
C20 OB2 F . 13.48 -7.45 -9.32
C21 OB2 F . 13.80 -8.51 -10.18
C22 OB2 F . 14.52 -8.28 -11.37
C23 OB2 F . 14.95 -7.00 -11.68
C24 OB2 F . 14.67 -5.92 -10.83
C25 OB2 F . 13.94 -6.16 -9.69
#